data_4W5P
# 
_entry.id   4W5P 
# 
_audit_conform.dict_name       mmcif_pdbx.dic 
_audit_conform.dict_version    5.383 
_audit_conform.dict_location   http://mmcif.pdb.org/dictionaries/ascii/mmcif_pdbx.dic 
# 
loop_
_database_2.database_id 
_database_2.database_code 
_database_2.pdbx_database_accession 
_database_2.pdbx_DOI 
PDB   4W5P         pdb_00004w5p 10.2210/pdb4w5p/pdb 
WWPDB D_1000203233 ?            ?                   
# 
loop_
_pdbx_audit_revision_history.ordinal 
_pdbx_audit_revision_history.data_content_type 
_pdbx_audit_revision_history.major_revision 
_pdbx_audit_revision_history.minor_revision 
_pdbx_audit_revision_history.revision_date 
1 'Structure model' 1 0 2015-05-27 
2 'Structure model' 1 1 2015-06-03 
3 'Structure model' 1 2 2015-07-01 
4 'Structure model' 1 3 2017-11-22 
5 'Structure model' 1 4 2023-12-27 
# 
_pdbx_audit_revision_details.ordinal             1 
_pdbx_audit_revision_details.revision_ordinal    1 
_pdbx_audit_revision_details.data_content_type   'Structure model' 
_pdbx_audit_revision_details.provider            repository 
_pdbx_audit_revision_details.type                'Initial release' 
_pdbx_audit_revision_details.description         ? 
_pdbx_audit_revision_details.details             ? 
# 
loop_
_pdbx_audit_revision_group.ordinal 
_pdbx_audit_revision_group.revision_ordinal 
_pdbx_audit_revision_group.data_content_type 
_pdbx_audit_revision_group.group 
1 2 'Structure model' 'Derived calculations'   
2 3 'Structure model' 'Database references'    
3 4 'Structure model' 'Database references'    
4 4 'Structure model' 'Derived calculations'   
5 4 'Structure model' 'Refinement description' 
6 4 'Structure model' 'Source and taxonomy'    
7 5 'Structure model' 'Data collection'        
8 5 'Structure model' 'Database references'    
# 
loop_
_pdbx_audit_revision_category.ordinal 
_pdbx_audit_revision_category.revision_ordinal 
_pdbx_audit_revision_category.data_content_type 
_pdbx_audit_revision_category.category 
1  4 'Structure model' citation                    
2  4 'Structure model' pdbx_entity_src_syn         
3  4 'Structure model' pdbx_struct_assembly        
4  4 'Structure model' pdbx_struct_assembly_gen    
5  4 'Structure model' pdbx_struct_oper_list       
6  4 'Structure model' software                    
7  5 'Structure model' chem_comp_atom              
8  5 'Structure model' chem_comp_bond              
9  5 'Structure model' database_2                  
10 5 'Structure model' diffrn_radiation_wavelength 
# 
loop_
_pdbx_audit_revision_item.ordinal 
_pdbx_audit_revision_item.revision_ordinal 
_pdbx_audit_revision_item.data_content_type 
_pdbx_audit_revision_item.item 
1 4 'Structure model' '_citation.journal_id_CSD'                  
2 4 'Structure model' '_pdbx_entity_src_syn.pdbx_alt_source_flag' 
3 4 'Structure model' '_pdbx_struct_assembly.oligomeric_details'  
4 4 'Structure model' '_pdbx_struct_assembly_gen.asym_id_list'    
5 4 'Structure model' '_pdbx_struct_oper_list.symmetry_operation' 
6 5 'Structure model' '_database_2.pdbx_DOI'                      
7 5 'Structure model' '_database_2.pdbx_database_accession'       
# 
_pdbx_database_status.status_code                     REL 
_pdbx_database_status.status_code_sf                  REL 
_pdbx_database_status.status_code_mr                  ? 
_pdbx_database_status.entry_id                        4W5P 
_pdbx_database_status.recvd_initial_deposition_date   2014-08-18 
_pdbx_database_status.SG_entry                        N 
_pdbx_database_status.deposit_site                    RCSB 
_pdbx_database_status.process_site                    RCSB 
_pdbx_database_status.status_code_cs                  ? 
_pdbx_database_status.methods_development_category    ? 
_pdbx_database_status.pdb_format_compatible           Y 
_pdbx_database_status.status_code_nmr_data            ? 
# 
loop_
_pdbx_database_related.content_type 
_pdbx_database_related.db_id 
_pdbx_database_related.db_name 
_pdbx_database_related.details 
unspecified 4TUT PDB . 
unspecified 4UBY PDB . 
unspecified 4UBZ PDB . 
unspecified 4W5L PDB . 
unspecified 4W5Y PDB . 
unspecified 4W67 PDB . 
unspecified 4W71 PDB . 
unspecified 4WBU PDB . 
unspecified 4WBV PDB . 
unspecified 4W5M PDB . 
# 
loop_
_audit_author.name 
_audit_author.pdbx_ordinal 
'Yu, L.'     1 
'Lee, S.-J.' 2 
'Yee, V.'    3 
# 
_citation.abstract                  ? 
_citation.abstract_id_CAS           ? 
_citation.book_id_ISBN              ? 
_citation.book_publisher            ? 
_citation.book_publisher_city       ? 
_citation.book_title                ? 
_citation.coordinate_linkage        ? 
_citation.country                   US 
_citation.database_id_Medline       ? 
_citation.details                   ? 
_citation.id                        primary 
_citation.journal_abbrev            Biochemistry 
_citation.journal_id_ASTM           BICHAW 
_citation.journal_id_CSD            0033 
_citation.journal_id_ISSN           0006-2960 
_citation.journal_full              ? 
_citation.journal_issue             ? 
_citation.journal_volume            54 
_citation.language                  ? 
_citation.page_first                3640 
_citation.page_last                 3648 
_citation.title                     
'Crystal Structures of Polymorphic Prion Protein beta 1 Peptides Reveal Variable Steric Zipper Conformations.' 
_citation.year                      2015 
_citation.database_id_CSD           ? 
_citation.pdbx_database_id_DOI      10.1021/acs.biochem.5b00425 
_citation.pdbx_database_id_PubMed   25978088 
_citation.unpublished_flag          ? 
# 
loop_
_citation_author.citation_id 
_citation_author.name 
_citation_author.ordinal 
_citation_author.identifier_ORCID 
primary 'Yu, L.'    1 ? 
primary 'Lee, S.J.' 2 ? 
primary 'Yee, V.C.' 3 ? 
# 
loop_
_entity.id 
_entity.type 
_entity.src_method 
_entity.pdbx_description 
_entity.formula_weight 
_entity.pdbx_number_of_molecules 
_entity.pdbx_ec 
_entity.pdbx_mutation 
_entity.pdbx_fragment 
_entity.details 
1 polymer     syn 'PrP peptide'                   651.711 2 ? ? ? ? 
2 non-polymer syn '(4S)-2-METHYL-2,4-PENTANEDIOL' 118.174 1 ? ? ? ? 
3 water       nat water                           18.015  4 ? ? ? ? 
# 
_entity_poly.entity_id                      1 
_entity_poly.type                           'polypeptide(L)' 
_entity_poly.nstd_linkage                   no 
_entity_poly.nstd_monomer                   no 
_entity_poly.pdbx_seq_one_letter_code       GGYVLGS 
_entity_poly.pdbx_seq_one_letter_code_can   GGYVLGS 
_entity_poly.pdbx_strand_id                 A,B 
_entity_poly.pdbx_target_identifier         ? 
# 
loop_
_pdbx_entity_nonpoly.entity_id 
_pdbx_entity_nonpoly.name 
_pdbx_entity_nonpoly.comp_id 
2 '(4S)-2-METHYL-2,4-PENTANEDIOL' MPD 
3 water                           HOH 
# 
loop_
_entity_poly_seq.entity_id 
_entity_poly_seq.num 
_entity_poly_seq.mon_id 
_entity_poly_seq.hetero 
1 1 GLY n 
1 2 GLY n 
1 3 TYR n 
1 4 VAL n 
1 5 LEU n 
1 6 GLY n 
1 7 SER n 
# 
_pdbx_entity_src_syn.entity_id              1 
_pdbx_entity_src_syn.pdbx_src_id            1 
_pdbx_entity_src_syn.pdbx_alt_source_flag   sample 
_pdbx_entity_src_syn.pdbx_beg_seq_num       1 
_pdbx_entity_src_syn.pdbx_end_seq_num       7 
_pdbx_entity_src_syn.organism_scientific    'synthetic construct' 
_pdbx_entity_src_syn.organism_common_name   ? 
_pdbx_entity_src_syn.ncbi_taxonomy_id       32630 
_pdbx_entity_src_syn.details                synthetic 
# 
loop_
_chem_comp.id 
_chem_comp.type 
_chem_comp.mon_nstd_flag 
_chem_comp.name 
_chem_comp.pdbx_synonyms 
_chem_comp.formula 
_chem_comp.formula_weight 
GLY 'peptide linking'   y GLYCINE                         ? 'C2 H5 N O2'  75.067  
HOH non-polymer         . WATER                           ? 'H2 O'        18.015  
LEU 'L-peptide linking' y LEUCINE                         ? 'C6 H13 N O2' 131.173 
MPD non-polymer         . '(4S)-2-METHYL-2,4-PENTANEDIOL' ? 'C6 H14 O2'   118.174 
SER 'L-peptide linking' y SERINE                          ? 'C3 H7 N O3'  105.093 
TYR 'L-peptide linking' y TYROSINE                        ? 'C9 H11 N O3' 181.189 
VAL 'L-peptide linking' y VALINE                          ? 'C5 H11 N O2' 117.146 
# 
loop_
_pdbx_poly_seq_scheme.asym_id 
_pdbx_poly_seq_scheme.entity_id 
_pdbx_poly_seq_scheme.seq_id 
_pdbx_poly_seq_scheme.mon_id 
_pdbx_poly_seq_scheme.ndb_seq_num 
_pdbx_poly_seq_scheme.pdb_seq_num 
_pdbx_poly_seq_scheme.auth_seq_num 
_pdbx_poly_seq_scheme.pdb_mon_id 
_pdbx_poly_seq_scheme.auth_mon_id 
_pdbx_poly_seq_scheme.pdb_strand_id 
_pdbx_poly_seq_scheme.pdb_ins_code 
_pdbx_poly_seq_scheme.hetero 
A 1 1 GLY 1 126 126 GLY GLY A . n 
A 1 2 GLY 2 127 127 GLY GLY A . n 
A 1 3 TYR 3 128 128 TYR TYR A . n 
A 1 4 VAL 4 129 129 VAL VAL A . n 
A 1 5 LEU 5 130 130 LEU LEU A . n 
A 1 6 GLY 6 131 131 GLY GLY A . n 
A 1 7 SER 7 132 132 SER SER A . n 
B 1 1 GLY 1 126 126 GLY GLY B . n 
B 1 2 GLY 2 127 127 GLY GLY B . n 
B 1 3 TYR 3 128 128 TYR TYR B . n 
B 1 4 VAL 4 129 129 VAL VAL B . n 
B 1 5 LEU 5 130 130 LEU LEU B . n 
B 1 6 GLY 6 131 131 GLY GLY B . n 
B 1 7 SER 7 132 132 SER SER B . n 
# 
loop_
_pdbx_nonpoly_scheme.asym_id 
_pdbx_nonpoly_scheme.entity_id 
_pdbx_nonpoly_scheme.mon_id 
_pdbx_nonpoly_scheme.ndb_seq_num 
_pdbx_nonpoly_scheme.pdb_seq_num 
_pdbx_nonpoly_scheme.auth_seq_num 
_pdbx_nonpoly_scheme.pdb_mon_id 
_pdbx_nonpoly_scheme.auth_mon_id 
_pdbx_nonpoly_scheme.pdb_strand_id 
_pdbx_nonpoly_scheme.pdb_ins_code 
C 2 MPD 1 201 1 MPD MPD B . 
D 3 HOH 1 201 2 HOH HOH A . 
D 3 HOH 2 202 3 HOH HOH A . 
E 3 HOH 1 301 1 HOH HOH B . 
E 3 HOH 2 302 4 HOH HOH B . 
# 
loop_
_software.citation_id 
_software.classification 
_software.compiler_name 
_software.compiler_version 
_software.contact_author 
_software.contact_author_email 
_software.date 
_software.description 
_software.dependencies 
_software.hardware 
_software.language 
_software.location 
_software.mods 
_software.name 
_software.os 
_software.os_version 
_software.type 
_software.version 
_software.pdbx_ordinal 
? 'data reduction'  ? ? ? ? ? ? ? ? ? ? ? HKL-2000    ? ? ? .                           1 
? 'data extraction' ? ? ? ? ? ? ? ? ? ? ? PDB_EXTRACT ? ? ? 3.15                        2 
? 'data scaling'    ? ? ? ? ? ? ? ? ? ? ? HKL-2000    ? ? ? .                           3 
? phasing           ? ? ? ? ? ? ? ? ? ? ? SHELX       ? ? ? .                           4 
? refinement        ? ? ? ? ? ? ? ? ? ? ? PHENIX      ? ? ? '(phenix.refine: 1.9_1692)' 5 
? 'data reduction'  ? ? ? ? ? ? ? ? ? ? ? DENZO       ? ? ? .                           6 
? 'data scaling'    ? ? ? ? ? ? ? ? ? ? ? SCALEPACK   ? ? ? .                           7 
# 
_cell.length_a           11.593 
_cell.length_b           17.152 
_cell.length_c           19.837 
_cell.angle_alpha        90.000 
_cell.angle_beta         100.700 
_cell.angle_gamma        90.000 
_cell.entry_id           4W5P 
_cell.Z_PDB              4 
_cell.pdbx_unique_axis   ? 
# 
_symmetry.entry_id                         4W5P 
_symmetry.cell_setting                     ? 
_symmetry.Int_Tables_number                4 
_symmetry.space_group_name_Hall            ? 
_symmetry.space_group_name_H-M             'P 1 21 1' 
_symmetry.pdbx_full_space_group_name_H-M   ? 
# 
_exptl.absorpt_coefficient_mu     ? 
_exptl.absorpt_correction_T_max   ? 
_exptl.absorpt_correction_T_min   ? 
_exptl.absorpt_correction_type    ? 
_exptl.absorpt_process_details    ? 
_exptl.entry_id                   4W5P 
_exptl.crystals_number            1 
_exptl.details                    ? 
_exptl.method                     'X-RAY DIFFRACTION' 
_exptl.method_details             ? 
# 
_exptl_crystal.colour                      ? 
_exptl_crystal.density_diffrn              ? 
_exptl_crystal.density_Matthews            1.49 
_exptl_crystal.density_method              ? 
_exptl_crystal.density_percent_sol         17.27 
_exptl_crystal.description                 ? 
_exptl_crystal.F_000                       ? 
_exptl_crystal.id                          1 
_exptl_crystal.preparation                 ? 
_exptl_crystal.size_max                    ? 
_exptl_crystal.size_mid                    ? 
_exptl_crystal.size_min                    ? 
_exptl_crystal.size_rad                    ? 
_exptl_crystal.colour_lustre               ? 
_exptl_crystal.colour_modifier             ? 
_exptl_crystal.colour_primary              ? 
_exptl_crystal.density_meas                ? 
_exptl_crystal.density_meas_esd            ? 
_exptl_crystal.density_meas_gt             ? 
_exptl_crystal.density_meas_lt             ? 
_exptl_crystal.density_meas_temp           ? 
_exptl_crystal.density_meas_temp_esd       ? 
_exptl_crystal.density_meas_temp_gt        ? 
_exptl_crystal.density_meas_temp_lt        ? 
_exptl_crystal.pdbx_crystal_image_url      ? 
_exptl_crystal.pdbx_crystal_image_format   ? 
_exptl_crystal.pdbx_mosaicity              ? 
_exptl_crystal.pdbx_mosaicity_esd          ? 
# 
_exptl_crystal_grow.apparatus       ? 
_exptl_crystal_grow.atmosphere      ? 
_exptl_crystal_grow.crystal_id      1 
_exptl_crystal_grow.details         ? 
_exptl_crystal_grow.method          'VAPOR DIFFUSION, SITTING DROP' 
_exptl_crystal_grow.method_ref      ? 
_exptl_crystal_grow.pH              5.5 
_exptl_crystal_grow.pressure        ? 
_exptl_crystal_grow.pressure_esd    ? 
_exptl_crystal_grow.seeding         ? 
_exptl_crystal_grow.seeding_ref     ? 
_exptl_crystal_grow.temp            293 
_exptl_crystal_grow.temp_details    ? 
_exptl_crystal_grow.temp_esd        ? 
_exptl_crystal_grow.time            ? 
_exptl_crystal_grow.pdbx_details    '0.1 M Bis-tris, 0.1 M ammonium acetate, and 40 % MPD' 
_exptl_crystal_grow.pdbx_pH_range   ? 
# 
_diffrn.ambient_environment    ? 
_diffrn.ambient_temp           100 
_diffrn.ambient_temp_details   ? 
_diffrn.ambient_temp_esd       ? 
_diffrn.crystal_id             1 
_diffrn.crystal_support        ? 
_diffrn.crystal_treatment      ? 
_diffrn.details                ? 
_diffrn.id                     1 
_diffrn.ambient_pressure       ? 
_diffrn.ambient_pressure_esd   ? 
_diffrn.ambient_pressure_gt    ? 
_diffrn.ambient_pressure_lt    ? 
_diffrn.ambient_temp_gt        ? 
_diffrn.ambient_temp_lt        ? 
# 
_diffrn_detector.details                      ? 
_diffrn_detector.detector                     CCD 
_diffrn_detector.diffrn_id                    1 
_diffrn_detector.type                         'ADSC QUANTUM 315r' 
_diffrn_detector.area_resol_mean              ? 
_diffrn_detector.dtime                        ? 
_diffrn_detector.pdbx_frames_total            ? 
_diffrn_detector.pdbx_collection_time_total   ? 
_diffrn_detector.pdbx_collection_date         2009-08-12 
# 
_diffrn_radiation.collimation                      ? 
_diffrn_radiation.diffrn_id                        1 
_diffrn_radiation.filter_edge                      ? 
_diffrn_radiation.inhomogeneity                    ? 
_diffrn_radiation.monochromator                    ? 
_diffrn_radiation.polarisn_norm                    ? 
_diffrn_radiation.polarisn_ratio                   ? 
_diffrn_radiation.probe                            ? 
_diffrn_radiation.type                             ? 
_diffrn_radiation.xray_symbol                      ? 
_diffrn_radiation.wavelength_id                    1 
_diffrn_radiation.pdbx_monochromatic_or_laue_m_l   M 
_diffrn_radiation.pdbx_wavelength_list             ? 
_diffrn_radiation.pdbx_wavelength                  ? 
_diffrn_radiation.pdbx_diffrn_protocol             'SINGLE WAVELENGTH' 
_diffrn_radiation.pdbx_analyzer                    ? 
_diffrn_radiation.pdbx_scattering_type             x-ray 
# 
_diffrn_radiation_wavelength.id           1 
_diffrn_radiation_wavelength.wavelength   0.97940 
_diffrn_radiation_wavelength.wt           1.0 
# 
_diffrn_source.current                     ? 
_diffrn_source.details                     ? 
_diffrn_source.diffrn_id                   1 
_diffrn_source.power                       ? 
_diffrn_source.size                        ? 
_diffrn_source.source                      SYNCHROTRON 
_diffrn_source.target                      ? 
_diffrn_source.type                        'APS BEAMLINE 19-ID' 
_diffrn_source.voltage                     ? 
_diffrn_source.take-off_angle              ? 
_diffrn_source.pdbx_wavelength_list        0.97940 
_diffrn_source.pdbx_wavelength             ? 
_diffrn_source.pdbx_synchrotron_beamline   19-ID 
_diffrn_source.pdbx_synchrotron_site       APS 
# 
_reflns.B_iso_Wilson_estimate            7.100 
_reflns.entry_id                         4W5P 
_reflns.data_reduction_details           ? 
_reflns.data_reduction_method            ? 
_reflns.d_resolution_high                1.150 
_reflns.d_resolution_low                 50.000 
_reflns.details                          ? 
_reflns.limit_h_max                      ? 
_reflns.limit_h_min                      ? 
_reflns.limit_k_max                      ? 
_reflns.limit_k_min                      ? 
_reflns.limit_l_max                      ? 
_reflns.limit_l_min                      ? 
_reflns.number_all                       ? 
_reflns.number_obs                       2529 
_reflns.observed_criterion               ? 
_reflns.observed_criterion_F_max         ? 
_reflns.observed_criterion_F_min         ? 
_reflns.observed_criterion_I_max         ? 
_reflns.observed_criterion_I_min         ? 
_reflns.observed_criterion_sigma_F       ? 
_reflns.observed_criterion_sigma_I       ? 
_reflns.percent_possible_obs             90.500 
_reflns.R_free_details                   ? 
_reflns.Rmerge_F_all                     ? 
_reflns.Rmerge_F_obs                     ? 
_reflns.Friedel_coverage                 ? 
_reflns.number_gt                        ? 
_reflns.threshold_expression             ? 
_reflns.pdbx_redundancy                  4.100 
_reflns.pdbx_Rmerge_I_obs                0.119 
_reflns.pdbx_Rmerge_I_all                ? 
_reflns.pdbx_Rsym_value                  ? 
_reflns.pdbx_netI_over_av_sigmaI         11.412 
_reflns.pdbx_netI_over_sigmaI            7.400 
_reflns.pdbx_res_netI_over_av_sigmaI_2   ? 
_reflns.pdbx_res_netI_over_sigmaI_2      ? 
_reflns.pdbx_chi_squared                 1.003 
_reflns.pdbx_scaling_rejects             ? 
_reflns.pdbx_d_res_high_opt              ? 
_reflns.pdbx_d_res_low_opt               ? 
_reflns.pdbx_d_res_opt_method            ? 
_reflns.phase_calculation_details        ? 
_reflns.pdbx_Rrim_I_all                  ? 
_reflns.pdbx_Rpim_I_all                  ? 
_reflns.pdbx_d_opt                       ? 
_reflns.pdbx_number_measured_all         10485 
_reflns.pdbx_diffrn_id                   1 
_reflns.pdbx_ordinal                     1 
_reflns.pdbx_CC_half                     ? 
_reflns.pdbx_R_split                     ? 
# 
loop_
_reflns_shell.d_res_high 
_reflns_shell.d_res_low 
_reflns_shell.meanI_over_sigI_all 
_reflns_shell.meanI_over_sigI_obs 
_reflns_shell.number_measured_all 
_reflns_shell.number_measured_obs 
_reflns_shell.number_possible 
_reflns_shell.number_unique_all 
_reflns_shell.number_unique_obs 
_reflns_shell.percent_possible_all 
_reflns_shell.percent_possible_obs 
_reflns_shell.Rmerge_F_all 
_reflns_shell.Rmerge_F_obs 
_reflns_shell.Rmerge_I_all 
_reflns_shell.Rmerge_I_obs 
_reflns_shell.meanI_over_sigI_gt 
_reflns_shell.meanI_over_uI_all 
_reflns_shell.meanI_over_uI_gt 
_reflns_shell.number_measured_gt 
_reflns_shell.number_unique_gt 
_reflns_shell.percent_possible_gt 
_reflns_shell.Rmerge_F_gt 
_reflns_shell.Rmerge_I_gt 
_reflns_shell.pdbx_redundancy 
_reflns_shell.pdbx_Rsym_value 
_reflns_shell.pdbx_chi_squared 
_reflns_shell.pdbx_netI_over_sigmaI_all 
_reflns_shell.pdbx_netI_over_sigmaI_obs 
_reflns_shell.pdbx_Rrim_I_all 
_reflns_shell.pdbx_Rpim_I_all 
_reflns_shell.pdbx_rejects 
_reflns_shell.pdbx_ordinal 
_reflns_shell.pdbx_diffrn_id 
_reflns_shell.pdbx_CC_half 
_reflns_shell.pdbx_R_split 
1.150 1.190  ? ? ? ? ? 135 ? 51.500 ? ? ? ? 0.147 ? ? ? ? ? ? ? ? 1.400 ? 0.950 ? ? ? ? 0 1  1 ? ? 
1.190 1.240  ? ? ? ? ? 218 ? 77.900 ? ? ? ? 0.186 ? ? ? ? ? ? ? ? 2.000 ? 1.018 ? ? ? ? 0 2  1 ? ? 
1.240 1.300  ? ? ? ? ? 252 ? 88.400 ? ? ? ? 0.199 ? ? ? ? ? ? ? ? 2.700 ? 0.988 ? ? ? ? 0 3  1 ? ? 
1.300 1.360  ? ? ? ? ? 242 ? 93.400 ? ? ? ? 0.172 ? ? ? ? ? ? ? ? 3.100 ? 1.049 ? ? ? ? 0 4  1 ? ? 
1.360 1.450  ? ? ? ? ? 287 ? 96.300 ? ? ? ? 0.170 ? ? ? ? ? ? ? ? 3.500 ? 1.017 ? ? ? ? 0 5  1 ? ? 
1.450 1.560  ? ? ? ? ? 255 ? 98.100 ? ? ? ? 0.174 ? ? ? ? ? ? ? ? 4.100 ? 1.014 ? ? ? ? 0 6  1 ? ? 
1.560 1.720  ? ? ? ? ? 285 ? 97.900 ? ? ? ? 0.155 ? ? ? ? ? ? ? ? 4.800 ? 1.008 ? ? ? ? 0 7  1 ? ? 
1.720 1.970  ? ? ? ? ? 275 ? 99.300 ? ? ? ? 0.152 ? ? ? ? ? ? ? ? 5.400 ? 0.986 ? ? ? ? 0 8  1 ? ? 
1.970 2.480  ? ? ? ? ? 284 ? 99.300 ? ? ? ? 0.124 ? ? ? ? ? ? ? ? 6.200 ? 0.993 ? ? ? ? 0 9  1 ? ? 
2.480 50.000 ? ? ? ? ? 296 ? 99.700 ? ? ? ? 0.100 ? ? ? ? ? ? ? ? 6.000 ? 0.998 ? ? ? ? 0 10 1 ? ? 
# 
_refine.aniso_B[1][1]                            ? 
_refine.aniso_B[1][2]                            ? 
_refine.aniso_B[1][3]                            ? 
_refine.aniso_B[2][2]                            ? 
_refine.aniso_B[2][3]                            ? 
_refine.aniso_B[3][3]                            ? 
_refine.B_iso_max                                23.350 
_refine.B_iso_mean                               9.4231 
_refine.B_iso_min                                4.530 
_refine.correlation_coeff_Fo_to_Fc               ? 
_refine.correlation_coeff_Fo_to_Fc_free          ? 
_refine.details                                  ? 
_refine.diff_density_max                         ? 
_refine.diff_density_max_esd                     ? 
_refine.diff_density_min                         ? 
_refine.diff_density_min_esd                     ? 
_refine.diff_density_rms                         ? 
_refine.diff_density_rms_esd                     ? 
_refine.entry_id                                 4W5P 
_refine.pdbx_refine_id                           'X-RAY DIFFRACTION' 
_refine.ls_abs_structure_details                 ? 
_refine.ls_abs_structure_Flack                   ? 
_refine.ls_abs_structure_Flack_esd               ? 
_refine.ls_abs_structure_Rogers                  ? 
_refine.ls_abs_structure_Rogers_esd              ? 
_refine.ls_d_res_high                            1.1510 
_refine.ls_d_res_low                             19.4920 
_refine.ls_extinction_coef                       ? 
_refine.ls_extinction_coef_esd                   ? 
_refine.ls_extinction_expression                 ? 
_refine.ls_extinction_method                     ? 
_refine.ls_goodness_of_fit_all                   ? 
_refine.ls_goodness_of_fit_all_esd               ? 
_refine.ls_goodness_of_fit_obs                   ? 
_refine.ls_goodness_of_fit_obs_esd               ? 
_refine.ls_hydrogen_treatment                    ? 
_refine.ls_matrix_type                           ? 
_refine.ls_number_constraints                    ? 
_refine.ls_number_parameters                     ? 
_refine.ls_number_reflns_all                     ? 
_refine.ls_number_reflns_obs                     2516 
_refine.ls_number_reflns_R_free                  108 
_refine.ls_number_reflns_R_work                  2408 
_refine.ls_number_restraints                     ? 
_refine.ls_percent_reflns_obs                    90.3400 
_refine.ls_percent_reflns_R_free                 4.2900 
_refine.ls_R_factor_all                          ? 
_refine.ls_R_factor_obs                          0.1208 
_refine.ls_R_factor_R_free                       0.1508 
_refine.ls_R_factor_R_free_error                 ? 
_refine.ls_R_factor_R_free_error_details         ? 
_refine.ls_R_factor_R_work                       0.1193 
_refine.ls_R_Fsqd_factor_obs                     ? 
_refine.ls_R_I_factor_obs                        ? 
_refine.ls_redundancy_reflns_all                 ? 
_refine.ls_redundancy_reflns_obs                 ? 
_refine.ls_restrained_S_all                      ? 
_refine.ls_restrained_S_obs                      ? 
_refine.ls_shift_over_esd_max                    ? 
_refine.ls_shift_over_esd_mean                   ? 
_refine.ls_structure_factor_coef                 ? 
_refine.ls_weighting_details                     ? 
_refine.ls_weighting_scheme                      ? 
_refine.ls_wR_factor_all                         ? 
_refine.ls_wR_factor_obs                         ? 
_refine.ls_wR_factor_R_free                      ? 
_refine.ls_wR_factor_R_work                      ? 
_refine.occupancy_max                            ? 
_refine.occupancy_min                            ? 
_refine.solvent_model_details                    'FLAT BULK SOLVENT MODEL' 
_refine.solvent_model_param_bsol                 ? 
_refine.solvent_model_param_ksol                 ? 
_refine.ls_R_factor_gt                           ? 
_refine.ls_goodness_of_fit_gt                    ? 
_refine.ls_goodness_of_fit_ref                   ? 
_refine.ls_shift_over_su_max                     ? 
_refine.ls_shift_over_su_max_lt                  ? 
_refine.ls_shift_over_su_mean                    ? 
_refine.ls_shift_over_su_mean_lt                 ? 
_refine.pdbx_ls_sigma_I                          ? 
_refine.pdbx_ls_sigma_F                          1.400 
_refine.pdbx_ls_sigma_Fsqd                       ? 
_refine.pdbx_data_cutoff_high_absF               ? 
_refine.pdbx_data_cutoff_high_rms_absF           ? 
_refine.pdbx_data_cutoff_low_absF                ? 
_refine.pdbx_isotropic_thermal_model             ? 
_refine.pdbx_ls_cross_valid_method               'FREE R-VALUE' 
_refine.pdbx_method_to_determine_struct          'AB INITIO PHASING' 
_refine.pdbx_starting_model                      ? 
_refine.pdbx_stereochemistry_target_values       ML 
_refine.pdbx_R_Free_selection_details            ? 
_refine.pdbx_stereochem_target_val_spec_case     ? 
_refine.pdbx_overall_ESU_R                       ? 
_refine.pdbx_overall_ESU_R_Free                  ? 
_refine.pdbx_solvent_vdw_probe_radii             1.1100 
_refine.pdbx_solvent_ion_probe_radii             ? 
_refine.pdbx_solvent_shrinkage_radii             0.9000 
_refine.pdbx_real_space_R                        ? 
_refine.pdbx_density_correlation                 ? 
_refine.pdbx_pd_number_of_powder_patterns        ? 
_refine.pdbx_pd_number_of_points                 ? 
_refine.pdbx_pd_meas_number_of_points            ? 
_refine.pdbx_pd_proc_ls_prof_R_factor            ? 
_refine.pdbx_pd_proc_ls_prof_wR_factor           ? 
_refine.pdbx_pd_Marquardt_correlation_coeff      ? 
_refine.pdbx_pd_Fsqrd_R_factor                   ? 
_refine.pdbx_pd_ls_matrix_band_width             ? 
_refine.pdbx_overall_phase_error                 23.3600 
_refine.pdbx_overall_SU_R_free_Cruickshank_DPI   ? 
_refine.pdbx_overall_SU_R_free_Blow_DPI          ? 
_refine.pdbx_overall_SU_R_Blow_DPI               ? 
_refine.pdbx_TLS_residual_ADP_flag               ? 
_refine.pdbx_diffrn_id                           1 
_refine.overall_SU_B                             ? 
_refine.overall_SU_ML                            0.0800 
_refine.overall_SU_R_Cruickshank_DPI             ? 
_refine.overall_SU_R_free                        ? 
_refine.overall_FOM_free_R_set                   ? 
_refine.overall_FOM_work_R_set                   ? 
# 
_refine_hist.cycle_id                         final 
_refine_hist.pdbx_refine_id                   'X-RAY DIFFRACTION' 
_refine_hist.d_res_high                       1.1510 
_refine_hist.d_res_low                        19.4920 
_refine_hist.pdbx_number_atoms_ligand         8 
_refine_hist.number_atoms_solvent             4 
_refine_hist.number_atoms_total               104 
_refine_hist.pdbx_number_residues_total       14 
_refine_hist.pdbx_B_iso_mean_ligand           21.42 
_refine_hist.pdbx_B_iso_mean_solvent          15.79 
_refine_hist.pdbx_number_atoms_protein        92 
_refine_hist.pdbx_number_atoms_nucleic_acid   0 
# 
loop_
_refine_ls_restr.pdbx_refine_id 
_refine_ls_restr.criterion 
_refine_ls_restr.dev_ideal 
_refine_ls_restr.dev_ideal_target 
_refine_ls_restr.number 
_refine_ls_restr.rejects 
_refine_ls_restr.type 
_refine_ls_restr.weight 
_refine_ls_restr.pdbx_restraint_function 
'X-RAY DIFFRACTION' ? 0.009  ? 105 ? f_bond_d           ? ? 
'X-RAY DIFFRACTION' ? 1.344  ? 142 ? f_angle_d          ? ? 
'X-RAY DIFFRACTION' ? 0.041  ? 15  ? f_chiral_restr     ? ? 
'X-RAY DIFFRACTION' ? 0.006  ? 17  ? f_plane_restr      ? ? 
'X-RAY DIFFRACTION' ? 13.909 ? 34  ? f_dihedral_angle_d ? ? 
# 
_refine_ls_shell.pdbx_refine_id                   'X-RAY DIFFRACTION' 
_refine_ls_shell.d_res_high                       1.1508 
_refine_ls_shell.d_res_low                        19.4946 
_refine_ls_shell.number_reflns_all                2516 
_refine_ls_shell.number_reflns_obs                ? 
_refine_ls_shell.number_reflns_R_free             108 
_refine_ls_shell.number_reflns_R_work             2408 
_refine_ls_shell.percent_reflns_obs               90.0000 
_refine_ls_shell.percent_reflns_R_free            ? 
_refine_ls_shell.R_factor_all                     ? 
_refine_ls_shell.R_factor_obs                     ? 
_refine_ls_shell.R_factor_R_free                  0.1508 
_refine_ls_shell.R_factor_R_free_error            ? 
_refine_ls_shell.R_factor_R_work                  0.1193 
_refine_ls_shell.redundancy_reflns_all            ? 
_refine_ls_shell.redundancy_reflns_obs            ? 
_refine_ls_shell.wR_factor_all                    ? 
_refine_ls_shell.wR_factor_obs                    ? 
_refine_ls_shell.wR_factor_R_free                 ? 
_refine_ls_shell.wR_factor_R_work                 ? 
_refine_ls_shell.pdbx_total_number_of_bins_used   1 
_refine_ls_shell.pdbx_phase_error                 ? 
# 
_struct.entry_id                     4W5P 
_struct.title                        'Prp peptide' 
_struct.pdbx_model_details           ? 
_struct.pdbx_formula_weight          ? 
_struct.pdbx_formula_weight_method   ? 
_struct.pdbx_model_type_details      ? 
_struct.pdbx_CASP_flag               ? 
# 
_struct_keywords.entry_id        4W5P 
_struct_keywords.text            'prion peptide, de novo protein, membrane protein' 
_struct_keywords.pdbx_keywords   'de novo protein, membrane protein' 
# 
loop_
_struct_asym.id 
_struct_asym.pdbx_blank_PDB_chainid_flag 
_struct_asym.pdbx_modified 
_struct_asym.entity_id 
_struct_asym.details 
A N N 1 ? 
B N N 1 ? 
C N N 2 ? 
D N N 3 ? 
E N N 3 ? 
# 
_struct_ref.id                         1 
_struct_ref.db_name                    PDB 
_struct_ref.db_code                    4W5P 
_struct_ref.pdbx_db_accession          4W5P 
_struct_ref.pdbx_db_isoform            ? 
_struct_ref.entity_id                  1 
_struct_ref.pdbx_seq_one_letter_code   ? 
_struct_ref.pdbx_align_begin           1 
# 
loop_
_struct_ref_seq.align_id 
_struct_ref_seq.ref_id 
_struct_ref_seq.pdbx_PDB_id_code 
_struct_ref_seq.pdbx_strand_id 
_struct_ref_seq.seq_align_beg 
_struct_ref_seq.pdbx_seq_align_beg_ins_code 
_struct_ref_seq.seq_align_end 
_struct_ref_seq.pdbx_seq_align_end_ins_code 
_struct_ref_seq.pdbx_db_accession 
_struct_ref_seq.db_align_beg 
_struct_ref_seq.pdbx_db_align_beg_ins_code 
_struct_ref_seq.db_align_end 
_struct_ref_seq.pdbx_db_align_end_ins_code 
_struct_ref_seq.pdbx_auth_seq_align_beg 
_struct_ref_seq.pdbx_auth_seq_align_end 
1 1 4W5P A 1 ? 7 ? 4W5P 126 ? 132 ? 126 132 
2 1 4W5P B 1 ? 7 ? 4W5P 126 ? 132 ? 126 132 
# 
_pdbx_struct_assembly.id                   1 
_pdbx_struct_assembly.details              author_defined_assembly 
_pdbx_struct_assembly.method_details       ? 
_pdbx_struct_assembly.oligomeric_details   octameric 
_pdbx_struct_assembly.oligomeric_count     8 
# 
_pdbx_struct_assembly_gen.assembly_id       1 
_pdbx_struct_assembly_gen.oper_expression   1,2,3,4 
_pdbx_struct_assembly_gen.asym_id_list      A,B,C,D,E 
# 
loop_
_pdbx_struct_oper_list.id 
_pdbx_struct_oper_list.type 
_pdbx_struct_oper_list.name 
_pdbx_struct_oper_list.symmetry_operation 
_pdbx_struct_oper_list.matrix[1][1] 
_pdbx_struct_oper_list.matrix[1][2] 
_pdbx_struct_oper_list.matrix[1][3] 
_pdbx_struct_oper_list.vector[1] 
_pdbx_struct_oper_list.matrix[2][1] 
_pdbx_struct_oper_list.matrix[2][2] 
_pdbx_struct_oper_list.matrix[2][3] 
_pdbx_struct_oper_list.vector[2] 
_pdbx_struct_oper_list.matrix[3][1] 
_pdbx_struct_oper_list.matrix[3][2] 
_pdbx_struct_oper_list.matrix[3][3] 
_pdbx_struct_oper_list.vector[3] 
1 'identity operation'         1_555 x,y,z         1.0000000000  0.0000000000 0.0000000000 0.0000000000  0.0000000000 1.0000000000  0.0000000000 0.0000000000  0.0000000000 0.0000000000 1.0000000000  0.0000000000  
2 'crystal symmetry operation' 1_655 x+1,y,z       1.0000000000  0.0000000000 0.0000000000 -8.3767285488 0.0000000000 1.0000000000  0.0000000000 7.9423221905  0.0000000000 0.0000000000 1.0000000000  -1.0712544249 
3 'crystal symmetry operation' 2_555 -x,y+1/2,-z   -0.4759944641 0.6347655623 0.6086887144 10.1984771111 0.6347655623 -0.2310628582 0.7373483820 -0.3699646508 0.6086887144 0.7373483820 -0.2929426777 6.0297493825  
4 'crystal symmetry operation' 2_655 -x+1,y+1/2,-z -0.4759944641 0.6347655623 0.6086887144 1.8217485623  0.6347655623 -0.2310628582 0.7373483820 7.5723575397  0.6086887144 0.7373483820 -0.2929426777 4.9584949576 
# 
_struct_biol.details                      
;BIOLOGICAL UNIT DISPLAYS ONLY A PORTION OF THE CRYSTAL LATTICE TO DEMONSTRATE THE CRYSTAL PACKING CONTENT. THE CRYSTAL PACKING IS FORMED BY A REPETITION IN BOTH DIRECTIONS OF THE PORTION INDICATED IN REMARK 350.
;
_struct_biol.id                           1 
_struct_biol.pdbx_parent_biol_id          ? 
_struct_biol.pdbx_formula_weight          ? 
_struct_biol.pdbx_formula_weight_method   ? 
_struct_biol.pdbx_aggregation_state       ? 
_struct_biol.pdbx_assembly_method         ? 
# 
_struct_sheet.id               AA1 
_struct_sheet.type             ? 
_struct_sheet.number_strands   2 
_struct_sheet.details          ? 
# 
_struct_sheet_order.sheet_id     AA1 
_struct_sheet_order.range_id_1   1 
_struct_sheet_order.range_id_2   2 
_struct_sheet_order.offset       ? 
_struct_sheet_order.sense        anti-parallel 
# 
loop_
_struct_sheet_range.sheet_id 
_struct_sheet_range.id 
_struct_sheet_range.beg_label_comp_id 
_struct_sheet_range.beg_label_asym_id 
_struct_sheet_range.beg_label_seq_id 
_struct_sheet_range.pdbx_beg_PDB_ins_code 
_struct_sheet_range.end_label_comp_id 
_struct_sheet_range.end_label_asym_id 
_struct_sheet_range.end_label_seq_id 
_struct_sheet_range.pdbx_end_PDB_ins_code 
_struct_sheet_range.beg_auth_comp_id 
_struct_sheet_range.beg_auth_asym_id 
_struct_sheet_range.beg_auth_seq_id 
_struct_sheet_range.end_auth_comp_id 
_struct_sheet_range.end_auth_asym_id 
_struct_sheet_range.end_auth_seq_id 
AA1 1 GLY A 2 ? GLY A 6 ? GLY A 127 GLY A 131 
AA1 2 TYR B 3 ? SER B 7 ? TYR B 128 SER B 132 
# 
_pdbx_struct_sheet_hbond.sheet_id                AA1 
_pdbx_struct_sheet_hbond.range_id_1              1 
_pdbx_struct_sheet_hbond.range_id_2              2 
_pdbx_struct_sheet_hbond.range_1_label_atom_id   N 
_pdbx_struct_sheet_hbond.range_1_label_comp_id   VAL 
_pdbx_struct_sheet_hbond.range_1_label_asym_id   A 
_pdbx_struct_sheet_hbond.range_1_label_seq_id    4 
_pdbx_struct_sheet_hbond.range_1_PDB_ins_code    ? 
_pdbx_struct_sheet_hbond.range_1_auth_atom_id    N 
_pdbx_struct_sheet_hbond.range_1_auth_comp_id    VAL 
_pdbx_struct_sheet_hbond.range_1_auth_asym_id    A 
_pdbx_struct_sheet_hbond.range_1_auth_seq_id     129 
_pdbx_struct_sheet_hbond.range_2_label_atom_id   O 
_pdbx_struct_sheet_hbond.range_2_label_comp_id   LEU 
_pdbx_struct_sheet_hbond.range_2_label_asym_id   B 
_pdbx_struct_sheet_hbond.range_2_label_seq_id    5 
_pdbx_struct_sheet_hbond.range_2_PDB_ins_code    ? 
_pdbx_struct_sheet_hbond.range_2_auth_atom_id    O 
_pdbx_struct_sheet_hbond.range_2_auth_comp_id    LEU 
_pdbx_struct_sheet_hbond.range_2_auth_asym_id    B 
_pdbx_struct_sheet_hbond.range_2_auth_seq_id     130 
# 
_struct_site.id                   AC1 
_struct_site.pdbx_evidence_code   Software 
_struct_site.pdbx_auth_asym_id    B 
_struct_site.pdbx_auth_comp_id    MPD 
_struct_site.pdbx_auth_seq_id     201 
_struct_site.pdbx_auth_ins_code   ? 
_struct_site.pdbx_num_residues    6 
_struct_site.details              'binding site for residue MPD B 201' 
# 
loop_
_struct_site_gen.id 
_struct_site_gen.site_id 
_struct_site_gen.pdbx_num_res 
_struct_site_gen.label_comp_id 
_struct_site_gen.label_asym_id 
_struct_site_gen.label_seq_id 
_struct_site_gen.pdbx_auth_ins_code 
_struct_site_gen.auth_comp_id 
_struct_site_gen.auth_asym_id 
_struct_site_gen.auth_seq_id 
_struct_site_gen.label_atom_id 
_struct_site_gen.label_alt_id 
_struct_site_gen.symmetry 
_struct_site_gen.details 
1 AC1 6 GLY A 1 ? GLY A 126 . ? 1_456 ? 
2 AC1 6 GLY B 1 ? GLY B 126 . ? 1_555 ? 
3 AC1 6 GLY B 2 ? GLY B 127 . ? 1_555 ? 
4 AC1 6 TYR B 3 ? TYR B 128 . ? 1_455 ? 
5 AC1 6 SER B 7 ? SER B 132 . ? 1_456 ? 
6 AC1 6 HOH E . ? HOH B 302 . ? 1_555 ? 
# 
loop_
_chem_comp_atom.comp_id 
_chem_comp_atom.atom_id 
_chem_comp_atom.type_symbol 
_chem_comp_atom.pdbx_aromatic_flag 
_chem_comp_atom.pdbx_stereo_config 
_chem_comp_atom.pdbx_ordinal 
GLY N    N N N 1   
GLY CA   C N N 2   
GLY C    C N N 3   
GLY O    O N N 4   
GLY OXT  O N N 5   
GLY H    H N N 6   
GLY H2   H N N 7   
GLY HA2  H N N 8   
GLY HA3  H N N 9   
GLY HXT  H N N 10  
HOH O    O N N 11  
HOH H1   H N N 12  
HOH H2   H N N 13  
LEU N    N N N 14  
LEU CA   C N S 15  
LEU C    C N N 16  
LEU O    O N N 17  
LEU CB   C N N 18  
LEU CG   C N N 19  
LEU CD1  C N N 20  
LEU CD2  C N N 21  
LEU OXT  O N N 22  
LEU H    H N N 23  
LEU H2   H N N 24  
LEU HA   H N N 25  
LEU HB2  H N N 26  
LEU HB3  H N N 27  
LEU HG   H N N 28  
LEU HD11 H N N 29  
LEU HD12 H N N 30  
LEU HD13 H N N 31  
LEU HD21 H N N 32  
LEU HD22 H N N 33  
LEU HD23 H N N 34  
LEU HXT  H N N 35  
MPD C1   C N N 36  
MPD C2   C N N 37  
MPD O2   O N N 38  
MPD CM   C N N 39  
MPD C3   C N N 40  
MPD C4   C N S 41  
MPD O4   O N N 42  
MPD C5   C N N 43  
MPD H11  H N N 44  
MPD H12  H N N 45  
MPD H13  H N N 46  
MPD HO2  H N N 47  
MPD HM1  H N N 48  
MPD HM2  H N N 49  
MPD HM3  H N N 50  
MPD H31  H N N 51  
MPD H32  H N N 52  
MPD H4   H N N 53  
MPD HO4  H N N 54  
MPD H51  H N N 55  
MPD H52  H N N 56  
MPD H53  H N N 57  
SER N    N N N 58  
SER CA   C N S 59  
SER C    C N N 60  
SER O    O N N 61  
SER CB   C N N 62  
SER OG   O N N 63  
SER OXT  O N N 64  
SER H    H N N 65  
SER H2   H N N 66  
SER HA   H N N 67  
SER HB2  H N N 68  
SER HB3  H N N 69  
SER HG   H N N 70  
SER HXT  H N N 71  
TYR N    N N N 72  
TYR CA   C N S 73  
TYR C    C N N 74  
TYR O    O N N 75  
TYR CB   C N N 76  
TYR CG   C Y N 77  
TYR CD1  C Y N 78  
TYR CD2  C Y N 79  
TYR CE1  C Y N 80  
TYR CE2  C Y N 81  
TYR CZ   C Y N 82  
TYR OH   O N N 83  
TYR OXT  O N N 84  
TYR H    H N N 85  
TYR H2   H N N 86  
TYR HA   H N N 87  
TYR HB2  H N N 88  
TYR HB3  H N N 89  
TYR HD1  H N N 90  
TYR HD2  H N N 91  
TYR HE1  H N N 92  
TYR HE2  H N N 93  
TYR HH   H N N 94  
TYR HXT  H N N 95  
VAL N    N N N 96  
VAL CA   C N S 97  
VAL C    C N N 98  
VAL O    O N N 99  
VAL CB   C N N 100 
VAL CG1  C N N 101 
VAL CG2  C N N 102 
VAL OXT  O N N 103 
VAL H    H N N 104 
VAL H2   H N N 105 
VAL HA   H N N 106 
VAL HB   H N N 107 
VAL HG11 H N N 108 
VAL HG12 H N N 109 
VAL HG13 H N N 110 
VAL HG21 H N N 111 
VAL HG22 H N N 112 
VAL HG23 H N N 113 
VAL HXT  H N N 114 
# 
loop_
_chem_comp_bond.comp_id 
_chem_comp_bond.atom_id_1 
_chem_comp_bond.atom_id_2 
_chem_comp_bond.value_order 
_chem_comp_bond.pdbx_aromatic_flag 
_chem_comp_bond.pdbx_stereo_config 
_chem_comp_bond.pdbx_ordinal 
GLY N   CA   sing N N 1   
GLY N   H    sing N N 2   
GLY N   H2   sing N N 3   
GLY CA  C    sing N N 4   
GLY CA  HA2  sing N N 5   
GLY CA  HA3  sing N N 6   
GLY C   O    doub N N 7   
GLY C   OXT  sing N N 8   
GLY OXT HXT  sing N N 9   
HOH O   H1   sing N N 10  
HOH O   H2   sing N N 11  
LEU N   CA   sing N N 12  
LEU N   H    sing N N 13  
LEU N   H2   sing N N 14  
LEU CA  C    sing N N 15  
LEU CA  CB   sing N N 16  
LEU CA  HA   sing N N 17  
LEU C   O    doub N N 18  
LEU C   OXT  sing N N 19  
LEU CB  CG   sing N N 20  
LEU CB  HB2  sing N N 21  
LEU CB  HB3  sing N N 22  
LEU CG  CD1  sing N N 23  
LEU CG  CD2  sing N N 24  
LEU CG  HG   sing N N 25  
LEU CD1 HD11 sing N N 26  
LEU CD1 HD12 sing N N 27  
LEU CD1 HD13 sing N N 28  
LEU CD2 HD21 sing N N 29  
LEU CD2 HD22 sing N N 30  
LEU CD2 HD23 sing N N 31  
LEU OXT HXT  sing N N 32  
MPD C1  C2   sing N N 33  
MPD C1  H11  sing N N 34  
MPD C1  H12  sing N N 35  
MPD C1  H13  sing N N 36  
MPD C2  O2   sing N N 37  
MPD C2  CM   sing N N 38  
MPD C2  C3   sing N N 39  
MPD O2  HO2  sing N N 40  
MPD CM  HM1  sing N N 41  
MPD CM  HM2  sing N N 42  
MPD CM  HM3  sing N N 43  
MPD C3  C4   sing N N 44  
MPD C3  H31  sing N N 45  
MPD C3  H32  sing N N 46  
MPD C4  O4   sing N N 47  
MPD C4  C5   sing N N 48  
MPD C4  H4   sing N N 49  
MPD O4  HO4  sing N N 50  
MPD C5  H51  sing N N 51  
MPD C5  H52  sing N N 52  
MPD C5  H53  sing N N 53  
SER N   CA   sing N N 54  
SER N   H    sing N N 55  
SER N   H2   sing N N 56  
SER CA  C    sing N N 57  
SER CA  CB   sing N N 58  
SER CA  HA   sing N N 59  
SER C   O    doub N N 60  
SER C   OXT  sing N N 61  
SER CB  OG   sing N N 62  
SER CB  HB2  sing N N 63  
SER CB  HB3  sing N N 64  
SER OG  HG   sing N N 65  
SER OXT HXT  sing N N 66  
TYR N   CA   sing N N 67  
TYR N   H    sing N N 68  
TYR N   H2   sing N N 69  
TYR CA  C    sing N N 70  
TYR CA  CB   sing N N 71  
TYR CA  HA   sing N N 72  
TYR C   O    doub N N 73  
TYR C   OXT  sing N N 74  
TYR CB  CG   sing N N 75  
TYR CB  HB2  sing N N 76  
TYR CB  HB3  sing N N 77  
TYR CG  CD1  doub Y N 78  
TYR CG  CD2  sing Y N 79  
TYR CD1 CE1  sing Y N 80  
TYR CD1 HD1  sing N N 81  
TYR CD2 CE2  doub Y N 82  
TYR CD2 HD2  sing N N 83  
TYR CE1 CZ   doub Y N 84  
TYR CE1 HE1  sing N N 85  
TYR CE2 CZ   sing Y N 86  
TYR CE2 HE2  sing N N 87  
TYR CZ  OH   sing N N 88  
TYR OH  HH   sing N N 89  
TYR OXT HXT  sing N N 90  
VAL N   CA   sing N N 91  
VAL N   H    sing N N 92  
VAL N   H2   sing N N 93  
VAL CA  C    sing N N 94  
VAL CA  CB   sing N N 95  
VAL CA  HA   sing N N 96  
VAL C   O    doub N N 97  
VAL C   OXT  sing N N 98  
VAL CB  CG1  sing N N 99  
VAL CB  CG2  sing N N 100 
VAL CB  HB   sing N N 101 
VAL CG1 HG11 sing N N 102 
VAL CG1 HG12 sing N N 103 
VAL CG1 HG13 sing N N 104 
VAL CG2 HG21 sing N N 105 
VAL CG2 HG22 sing N N 106 
VAL CG2 HG23 sing N N 107 
VAL OXT HXT  sing N N 108 
# 
_atom_sites.entry_id                    4W5P 
_atom_sites.fract_transf_matrix[1][1]   -0.05475104 
_atom_sites.fract_transf_matrix[1][2]   0.06533034 
_atom_sites.fract_transf_matrix[1][3]   -0.02099530 
_atom_sites.fract_transf_matrix[2][1]   0.02984258 
_atom_sites.fract_transf_matrix[2][2]   0.03615046 
_atom_sites.fract_transf_matrix[2][3]   0.03466536 
_atom_sites.fract_transf_matrix[3][1]   0.02383804 
_atom_sites.fract_transf_matrix[3][2]   0.01961494 
_atom_sites.fract_transf_matrix[3][3]   -0.04097686 
_atom_sites.fract_transf_vector[1]      0.354572 
_atom_sites.fract_transf_vector[2]      1.067273 
_atom_sites.fract_transf_vector[3]      0.005613 
# 
loop_
_atom_type.symbol 
C 
N 
O 
# 
loop_
_atom_site.group_PDB 
_atom_site.id 
_atom_site.type_symbol 
_atom_site.label_atom_id 
_atom_site.label_alt_id 
_atom_site.label_comp_id 
_atom_site.label_asym_id 
_atom_site.label_entity_id 
_atom_site.label_seq_id 
_atom_site.pdbx_PDB_ins_code 
_atom_site.Cartn_x 
_atom_site.Cartn_y 
_atom_site.Cartn_z 
_atom_site.occupancy 
_atom_site.B_iso_or_equiv 
_atom_site.pdbx_formal_charge 
_atom_site.auth_seq_id 
_atom_site.auth_comp_id 
_atom_site.auth_asym_id 
_atom_site.auth_atom_id 
_atom_site.pdbx_PDB_model_num 
ATOM   1   N N   . GLY A 1 1 ? -9.323 5.397  7.748  1.00 7.86  ? 126 GLY A N   1 
ATOM   2   C CA  . GLY A 1 1 ? -8.079 4.694  7.496  1.00 7.43  ? 126 GLY A CA  1 
ATOM   3   C C   . GLY A 1 1 ? -7.839 4.675  6.010  1.00 7.05  ? 126 GLY A C   1 
ATOM   4   O O   . GLY A 1 1 ? -8.213 5.619  5.326  1.00 9.00  ? 126 GLY A O   1 
ATOM   5   N N   . GLY A 1 2 ? -7.211 3.617  5.504  1.00 6.00  ? 127 GLY A N   1 
ATOM   6   C CA  . GLY A 1 2 ? -6.992 3.535  4.080  1.00 6.75  ? 127 GLY A CA  1 
ATOM   7   C C   . GLY A 1 2 ? -5.981 2.485  3.686  1.00 5.54  ? 127 GLY A C   1 
ATOM   8   O O   . GLY A 1 2 ? -5.545 1.671  4.512  1.00 6.07  ? 127 GLY A O   1 
ATOM   9   N N   . TYR A 1 3 ? -5.622 2.513  2.401  1.00 4.76  ? 128 TYR A N   1 
ATOM   10  C CA  . TYR A 1 3 ? -4.712 1.550  1.800  1.00 4.69  ? 128 TYR A CA  1 
ATOM   11  C C   . TYR A 1 3 ? -3.844 2.246  0.775  1.00 4.86  ? 128 TYR A C   1 
ATOM   12  O O   . TYR A 1 3 ? -4.290 3.190  0.121  1.00 5.46  ? 128 TYR A O   1 
ATOM   13  C CB  . TYR A 1 3 ? -5.492 0.408  1.132  1.00 5.88  ? 128 TYR A CB  1 
ATOM   14  C CG  . TYR A 1 3 ? -6.330 -0.349 2.120  1.00 6.83  ? 128 TYR A CG  1 
ATOM   15  C CD1 . TYR A 1 3 ? -7.659 0.000  2.328  1.00 7.88  ? 128 TYR A CD1 1 
ATOM   16  C CD2 . TYR A 1 3 ? -5.789 -1.385 2.871  1.00 7.83  ? 128 TYR A CD2 1 
ATOM   17  C CE1 . TYR A 1 3 ? -8.435 -0.668 3.260  1.00 8.21  ? 128 TYR A CE1 1 
ATOM   18  C CE2 . TYR A 1 3 ? -6.558 -2.068 3.808  1.00 8.80  ? 128 TYR A CE2 1 
ATOM   19  C CZ  . TYR A 1 3 ? -7.878 -1.707 3.993  1.00 9.89  ? 128 TYR A CZ  1 
ATOM   20  O OH  . TYR A 1 3 ? -8.645 -2.378 4.912  1.00 11.74 ? 128 TYR A OH  1 
ATOM   21  N N   . VAL A 1 4 ? -2.610 1.779  0.619  1.00 4.53  ? 129 VAL A N   1 
ATOM   22  C CA  . VAL A 1 4 ? -1.771 2.299  -0.447 1.00 5.81  ? 129 VAL A CA  1 
ATOM   23  C C   . VAL A 1 4 ? -1.031 1.134  -1.065 1.00 5.39  ? 129 VAL A C   1 
ATOM   24  O O   . VAL A 1 4 ? -0.644 0.188  -0.379 1.00 6.21  ? 129 VAL A O   1 
ATOM   25  C CB  . VAL A 1 4 ? -0.778 3.406  0.060  1.00 7.57  ? 129 VAL A CB  1 
ATOM   26  C CG1 . VAL A 1 4 ? 0.046  2.929  1.220  1.00 9.73  ? 129 VAL A CG1 1 
ATOM   27  C CG2 . VAL A 1 4 ? 0.142  3.900  -1.086 1.00 8.16  ? 129 VAL A CG2 1 
ATOM   28  N N   . LEU A 1 5 ? -0.874 1.200  -2.385 1.00 4.74  ? 130 LEU A N   1 
ATOM   29  C CA  A LEU A 1 5 ? -0.130 0.221  -3.158 0.61 5.20  ? 130 LEU A CA  1 
ATOM   30  C CA  B LEU A 1 5 ? -0.069 0.224  -3.090 0.39 5.80  ? 130 LEU A CA  1 
ATOM   31  C C   . LEU A 1 5 ? 0.870  0.946  -4.043 1.00 5.07  ? 130 LEU A C   1 
ATOM   32  O O   . LEU A 1 5 ? 0.479  1.844  -4.788 1.00 5.91  ? 130 LEU A O   1 
ATOM   33  C CB  A LEU A 1 5 ? -1.090 -0.608 -4.010 0.61 6.59  ? 130 LEU A CB  1 
ATOM   34  C CB  B LEU A 1 5 ? -0.950 -0.784 -3.831 0.39 8.30  ? 130 LEU A CB  1 
ATOM   35  C CG  A LEU A 1 5 ? -0.460 -1.512 -5.059 0.61 6.39  ? 130 LEU A CG  1 
ATOM   36  C CG  B LEU A 1 5 ? -0.181 -2.016 -4.305 0.39 9.42  ? 130 LEU A CG  1 
ATOM   37  C CD1 A LEU A 1 5 ? 0.094  -2.763 -4.423 0.61 7.43  ? 130 LEU A CD1 1 
ATOM   38  C CD1 B LEU A 1 5 ? -0.901 -3.311 -3.998 0.39 9.56  ? 130 LEU A CD1 1 
ATOM   39  C CD2 A LEU A 1 5 ? -1.497 -1.854 -6.091 0.61 7.06  ? 130 LEU A CD2 1 
ATOM   40  C CD2 B LEU A 1 5 ? 0.032  -1.899 -5.768 0.39 10.03 ? 130 LEU A CD2 1 
ATOM   41  N N   . GLY A 1 6 ? 2.136  0.569  -3.986 1.00 5.88  ? 131 GLY A N   1 
ATOM   42  C CA  . GLY A 1 6 ? 3.114  1.244  -4.800 1.00 6.98  ? 131 GLY A CA  1 
ATOM   43  C C   . GLY A 1 6 ? 4.215  0.326  -5.250 1.00 7.60  ? 131 GLY A C   1 
ATOM   44  O O   . GLY A 1 6 ? 4.151  -0.886 -5.059 1.00 7.88  ? 131 GLY A O   1 
ATOM   45  N N   . SER A 1 7 ? 5.228  0.925  -5.862 1.00 10.08 ? 132 SER A N   1 
ATOM   46  C CA  . SER A 1 7 ? 6.407  0.205  -6.286 1.00 13.36 ? 132 SER A CA  1 
ATOM   47  C C   . SER A 1 7 ? 7.631  1.046  -5.951 1.00 14.69 ? 132 SER A C   1 
ATOM   48  O O   . SER A 1 7 ? 8.746  0.732  -6.367 1.00 14.65 ? 132 SER A O   1 
ATOM   49  C CB  . SER A 1 7 ? 6.341  -0.085 -7.775 1.00 15.91 ? 132 SER A CB  1 
ATOM   50  O OG  . SER A 1 7 ? 6.247  1.134  -8.479 1.00 19.21 ? 132 SER A OG  1 
ATOM   51  O OXT . SER A 1 7 ? 7.511  2.067  -5.251 1.00 15.69 ? 132 SER A OXT 1 
ATOM   52  N N   . GLY B 1 1 ? 9.643  -3.890 -7.679 1.00 9.34  ? 126 GLY B N   1 
ATOM   53  C CA  . GLY B 1 1 ? 8.993  -4.562 -6.568 1.00 7.37  ? 126 GLY B CA  1 
ATOM   54  C C   . GLY B 1 1 ? 7.653  -3.925 -6.266 1.00 6.12  ? 126 GLY B C   1 
ATOM   55  O O   . GLY B 1 1 ? 7.137  -3.130 -7.060 1.00 7.25  ? 126 GLY B O   1 
ATOM   56  N N   . GLY B 1 2 ? 7.078  -4.277 -5.127 1.00 4.98  ? 127 GLY B N   1 
ATOM   57  C CA  . GLY B 1 2 ? 5.780  -3.746 -4.783 1.00 5.42  ? 127 GLY B CA  1 
ATOM   58  C C   . GLY B 1 2 ? 5.573  -3.759 -3.284 1.00 5.48  ? 127 GLY B C   1 
ATOM   59  O O   . GLY B 1 2 ? 6.199  -4.540 -2.561 1.00 5.95  ? 127 GLY B O   1 
ATOM   60  N N   . TYR B 1 3 ? 4.706  -2.879 -2.802 1.00 5.12  ? 128 TYR B N   1 
ATOM   61  C CA  . TYR B 1 3 ? 4.329  -2.918 -1.396 1.00 5.38  ? 128 TYR B CA  1 
ATOM   62  C C   . TYR B 1 3 ? 2.872  -2.536 -1.279 1.00 4.60  ? 128 TYR B C   1 
ATOM   63  O O   . TYR B 1 3 ? 2.325  -1.833 -2.140 1.00 5.07  ? 128 TYR B O   1 
ATOM   64  C CB  . TYR B 1 3 ? 5.204  -1.974 -0.546 1.00 6.36  ? 128 TYR B CB  1 
ATOM   65  C CG  . TYR B 1 3 ? 4.969  -0.524 -0.892 1.00 7.09  ? 128 TYR B CG  1 
ATOM   66  C CD1 . TYR B 1 3 ? 5.712  0.101  -1.881 1.00 7.67  ? 128 TYR B CD1 1 
ATOM   67  C CD2 . TYR B 1 3 ? 3.981  0.214  -0.246 1.00 8.12  ? 128 TYR B CD2 1 
ATOM   68  C CE1 . TYR B 1 3 ? 5.469  1.411  -2.219 1.00 9.40  ? 128 TYR B CE1 1 
ATOM   69  C CE2 . TYR B 1 3 ? 3.731  1.516  -0.576 1.00 8.49  ? 128 TYR B CE2 1 
ATOM   70  C CZ  . TYR B 1 3 ? 4.476  2.111  -1.559 1.00 9.39  ? 128 TYR B CZ  1 
ATOM   71  O OH  . TYR B 1 3 ? 4.207  3.412  -1.882 1.00 11.61 ? 128 TYR B OH  1 
ATOM   72  N N   . VAL B 1 4 ? 2.254  -2.966 -0.186 1.00 4.86  ? 129 VAL B N   1 
ATOM   73  C CA  . VAL B 1 4 ? 0.896  -2.577 0.128  1.00 5.55  ? 129 VAL B CA  1 
ATOM   74  C C   . VAL B 1 4 ? 0.824  -2.318 1.629  1.00 6.26  ? 129 VAL B C   1 
ATOM   75  O O   . VAL B 1 4 ? 1.389  -3.072 2.427  1.00 5.89  ? 129 VAL B O   1 
ATOM   76  C CB  . VAL B 1 4 ? -0.120 -3.657 -0.326 1.00 7.03  ? 129 VAL B CB  1 
ATOM   77  C CG1 . VAL B 1 4 ? 0.173  -5.016 0.301  1.00 7.66  ? 129 VAL B CG1 1 
ATOM   78  C CG2 . VAL B 1 4 ? -1.560 -3.212 -0.053 1.00 8.26  ? 129 VAL B CG2 1 
ATOM   79  N N   . LEU B 1 5 ? 0.183  -1.215 2.002  1.00 5.48  ? 130 LEU B N   1 
ATOM   80  C CA  . LEU B 1 5 ? 0.018  -0.867 3.408  1.00 6.52  ? 130 LEU B CA  1 
ATOM   81  C C   . LEU B 1 5 ? -1.458 -0.631 3.686  1.00 6.89  ? 130 LEU B C   1 
ATOM   82  O O   . LEU B 1 5 ? -2.196 -0.184 2.798  1.00 7.34  ? 130 LEU B O   1 
ATOM   83  C CB  . LEU B 1 5 ? 0.816  0.393  3.783  1.00 7.43  ? 130 LEU B CB  1 
ATOM   84  C CG  . LEU B 1 5 ? 2.293  0.470  3.385  1.00 8.74  ? 130 LEU B CG  1 
ATOM   85  C CD1 . LEU B 1 5 ? 2.853  1.866  3.626  1.00 9.20  ? 130 LEU B CD1 1 
ATOM   86  C CD2 . LEU B 1 5 ? 3.123  -0.568 4.117  1.00 9.54  ? 130 LEU B CD2 1 
ATOM   87  N N   . GLY B 1 6 ? -1.874 -0.901 4.923  1.00 6.41  ? 131 GLY B N   1 
ATOM   88  C CA  . GLY B 1 6 ? -3.239 -0.655 5.337  1.00 7.25  ? 131 GLY B CA  1 
ATOM   89  C C   . GLY B 1 6 ? -3.293 -0.043 6.719  1.00 7.24  ? 131 GLY B C   1 
ATOM   90  O O   . GLY B 1 6 ? -2.414 -0.267 7.547  1.00 7.15  ? 131 GLY B O   1 
ATOM   91  N N   . SER B 1 7 ? -4.335 0.744  6.966  1.00 7.91  ? 132 SER B N   1 
ATOM   92  C CA  . SER B 1 7 ? -4.545 1.352  8.278  1.00 11.58 ? 132 SER B CA  1 
ATOM   93  C C   . SER B 1 7 ? -6.003 1.499  8.586  1.00 13.85 ? 132 SER B C   1 
ATOM   94  O O   . SER B 1 7 ? -6.843 1.444  7.678  1.00 12.98 ? 132 SER B O   1 
ATOM   95  C CB  . SER B 1 7 ? -3.912 2.737  8.361  1.00 14.54 ? 132 SER B CB  1 
ATOM   96  O OG  . SER B 1 7 ? -4.695 3.675  7.631  1.00 18.71 ? 132 SER B OG  1 
ATOM   97  O OXT . SER B 1 7 ? -6.327 1.730  9.758  1.00 16.21 ? 132 SER B OXT 1 
HETATM 98  C C1  . MPD C 2 . ? 11.183 -2.204 -2.219 1.00 23.35 ? 201 MPD B C1  1 
HETATM 99  C C2  . MPD C 2 . ? 10.365 -1.245 -3.055 1.00 21.57 ? 201 MPD B C2  1 
HETATM 100 O O2  . MPD C 2 . ? 11.268 -0.391 -3.809 1.00 18.32 ? 201 MPD B O2  1 
HETATM 101 C CM  . MPD C 2 . ? 9.494  -2.038 -4.018 1.00 23.34 ? 201 MPD B CM  1 
HETATM 102 C C3  . MPD C 2 . ? 9.479  -0.418 -2.129 1.00 21.20 ? 201 MPD B C3  1 
HETATM 103 C C4  . MPD C 2 . ? 10.266 0.632  -1.366 1.00 21.00 ? 201 MPD B C4  1 
HETATM 104 O O4  . MPD C 2 . ? 10.858 1.521  -2.277 1.00 20.31 ? 201 MPD B O4  1 
HETATM 105 C C5  . MPD C 2 . ? 9.336  1.429  -0.472 1.00 22.24 ? 201 MPD B C5  1 
HETATM 106 O O   . HOH D 3 . ? 5.487  3.854  -4.497 1.00 17.74 ? 201 HOH A O   1 
HETATM 107 O O   . HOH D 3 . ? 4.189  3.276  -7.512 1.00 15.53 ? 202 HOH A O   1 
HETATM 108 O O   . HOH E 3 . ? 10.416 -1.408 -7.187 1.00 16.55 ? 301 HOH B O   1 
HETATM 109 O O   . HOH E 3 . ? 9.587  3.148  -3.937 1.00 13.34 ? 302 HOH B O   1 
# 
loop_
_atom_site_anisotrop.id 
_atom_site_anisotrop.type_symbol 
_atom_site_anisotrop.pdbx_label_atom_id 
_atom_site_anisotrop.pdbx_label_alt_id 
_atom_site_anisotrop.pdbx_label_comp_id 
_atom_site_anisotrop.pdbx_label_asym_id 
_atom_site_anisotrop.pdbx_label_seq_id 
_atom_site_anisotrop.pdbx_PDB_ins_code 
_atom_site_anisotrop.U[1][1] 
_atom_site_anisotrop.U[2][2] 
_atom_site_anisotrop.U[3][3] 
_atom_site_anisotrop.U[1][2] 
_atom_site_anisotrop.U[1][3] 
_atom_site_anisotrop.U[2][3] 
_atom_site_anisotrop.pdbx_auth_seq_id 
_atom_site_anisotrop.pdbx_auth_comp_id 
_atom_site_anisotrop.pdbx_auth_asym_id 
_atom_site_anisotrop.pdbx_auth_atom_id 
1   N N   . GLY A 1 ? 0.1208 0.1073 0.0705 0.0144  -0.0130 -0.0047 126 GLY A N   
2   C CA  . GLY A 1 ? 0.1015 0.1116 0.0693 0.0149  -0.0014 -0.0148 126 GLY A CA  
3   C C   . GLY A 1 ? 0.0985 0.1022 0.0672 0.0173  -0.0107 0.0004  126 GLY A C   
4   O O   . GLY A 1 ? 0.1482 0.1219 0.0721 0.0382  -0.0081 0.0042  126 GLY A O   
5   N N   . GLY A 2 ? 0.0936 0.0883 0.0461 0.0091  -0.0114 0.0143  127 GLY A N   
6   C CA  . GLY A 2 ? 0.1132 0.1002 0.0430 0.0069  0.0054  -0.0023 127 GLY A CA  
7   C C   . GLY A 2 ? 0.0905 0.0779 0.0420 -0.0181 -0.0076 0.0029  127 GLY A C   
8   O O   . GLY A 2 ? 0.1103 0.0833 0.0370 -0.0216 -0.0092 0.0044  127 GLY A O   
9   N N   . TYR A 3 ? 0.0868 0.0604 0.0338 -0.0148 -0.0062 0.0059  128 TYR A N   
10  C CA  . TYR A 3 ? 0.0848 0.0417 0.0519 -0.0062 0.0023  0.0037  128 TYR A CA  
11  C C   . TYR A 3 ? 0.0818 0.0451 0.0578 -0.0115 -0.0075 0.0016  128 TYR A C   
12  O O   . TYR A 3 ? 0.0744 0.0685 0.0645 -0.0055 -0.0018 0.0170  128 TYR A O   
13  C CB  . TYR A 3 ? 0.0956 0.0568 0.0710 -0.0328 -0.0007 0.0038  128 TYR A CB  
14  C CG  . TYR A 3 ? 0.1106 0.0889 0.0601 -0.0359 -0.0018 -0.0101 128 TYR A CG  
15  C CD1 . TYR A 3 ? 0.1138 0.1037 0.0818 -0.0466 0.0004  -0.0095 128 TYR A CD1 
16  C CD2 . TYR A 3 ? 0.1307 0.0883 0.0784 -0.0510 0.0011  -0.0046 128 TYR A CD2 
17  C CE1 . TYR A 3 ? 0.1240 0.0956 0.0924 -0.0485 0.0026  0.0156  128 TYR A CE1 
18  C CE2 . TYR A 3 ? 0.1260 0.1138 0.0947 -0.0469 0.0130  -0.0068 128 TYR A CE2 
19  C CZ  . TYR A 3 ? 0.1468 0.1257 0.1035 -0.0521 0.0153  0.0154  128 TYR A CZ  
20  O OH  . TYR A 3 ? 0.1671 0.1475 0.1314 -0.0494 0.0452  0.0248  128 TYR A OH  
21  N N   . VAL A 4 ? 0.0691 0.0627 0.0405 -0.0060 0.0041  -0.0094 129 VAL A N   
22  C CA  . VAL A 4 ? 0.0765 0.0919 0.0525 -0.0160 0.0001  -0.0061 129 VAL A CA  
23  C C   . VAL A 4 ? 0.0844 0.0868 0.0335 -0.0045 -0.0031 -0.0009 129 VAL A C   
24  O O   . VAL A 4 ? 0.1105 0.0882 0.0374 0.0016  -0.0023 0.0063  129 VAL A O   
25  C CB  . VAL A 4 ? 0.1125 0.1101 0.0652 -0.0393 -0.0088 0.0071  129 VAL A CB  
26  C CG1 . VAL A 4 ? 0.1561 0.1301 0.0835 -0.0476 -0.0040 -0.0077 129 VAL A CG1 
27  C CG2 . VAL A 4 ? 0.1118 0.1251 0.0730 -0.0454 0.0206  -0.0071 129 VAL A CG2 
28  N N   . LEU A 5 ? 0.0646 0.0752 0.0405 -0.0034 -0.0096 -0.0049 130 LEU A N   
29  C CA  A LEU A 5 ? 0.0783 0.0747 0.0448 -0.0111 -0.0086 -0.0092 130 LEU A CA  
30  C CA  B LEU A 5 ? 0.0793 0.0865 0.0546 -0.0175 0.0039  -0.0196 130 LEU A CA  
31  C C   . LEU A 5 ? 0.0809 0.0640 0.0475 -0.0064 -0.0056 -0.0101 130 LEU A C   
32  O O   . LEU A 5 ? 0.0766 0.0697 0.0781 -0.0036 0.0020  0.0124  130 LEU A O   
33  C CB  A LEU A 5 ? 0.0978 0.0923 0.0601 -0.0190 -0.0139 -0.0123 130 LEU A CB  
34  C CB  B LEU A 5 ? 0.1108 0.1170 0.0878 -0.0394 0.0255  -0.0354 130 LEU A CB  
35  C CG  A LEU A 5 ? 0.1081 0.0749 0.0600 0.0012  -0.0348 -0.0178 130 LEU A CG  
36  C CG  B LEU A 5 ? 0.1238 0.1230 0.1110 -0.0468 0.0399  -0.0532 130 LEU A CG  
37  C CD1 A LEU A 5 ? 0.1294 0.0868 0.0661 0.0147  -0.0307 -0.0174 130 LEU A CD1 
38  C CD1 B LEU A 5 ? 0.1085 0.1268 0.1280 -0.0454 0.0441  -0.0503 130 LEU A CD1 
39  C CD2 A LEU A 5 ? 0.0976 0.0838 0.0866 0.0045  -0.0326 -0.0213 130 LEU A CD2 
40  C CD2 B LEU A 5 ? 0.1477 0.1190 0.1145 -0.0511 0.0428  -0.0589 130 LEU A CD2 
41  N N   . GLY A 6 ? 0.0807 0.0810 0.0618 -0.0095 -0.0023 -0.0043 131 GLY A N   
42  C CA  . GLY A 6 ? 0.0925 0.0769 0.0959 -0.0103 0.0070  0.0130  131 GLY A CA  
43  C C   . GLY A 6 ? 0.1065 0.0906 0.0917 -0.0024 -0.0005 0.0242  131 GLY A C   
44  O O   . GLY A 6 ? 0.1142 0.1154 0.0697 0.0106  0.0096  0.0259  131 GLY A O   
45  N N   . SER A 7 ? 0.1264 0.1063 0.1504 -0.0084 0.0247  0.0123  132 SER A N   
46  C CA  . SER A 7 ? 0.1782 0.1525 0.1768 -0.0267 0.0142  0.0030  132 SER A CA  
47  C C   . SER A 7 ? 0.1949 0.1667 0.1966 -0.0440 0.0228  -0.0152 132 SER A C   
48  O O   . SER A 7 ? 0.1902 0.1643 0.2022 -0.0399 0.0362  -0.0278 132 SER A O   
49  C CB  . SER A 7 ? 0.2432 0.1710 0.1901 -0.0160 0.0007  0.0291  132 SER A CB  
50  O OG  . SER A 7 ? 0.2912 0.2298 0.2092 -0.0259 0.0109  0.0178  132 SER A OG  
51  O OXT . SER A 7 ? 0.1946 0.1872 0.2146 -0.0651 0.0233  -0.0200 132 SER A OXT 
52  N N   . GLY B 1 ? 0.0979 0.1661 0.0911 -0.0009 0.0211  0.0215  126 GLY B N   
53  C CA  . GLY B 1 ? 0.0819 0.1166 0.0815 0.0063  0.0237  0.0124  126 GLY B CA  
54  C C   . GLY B 1 ? 0.0894 0.0861 0.0570 0.0027  0.0135  -0.0006 126 GLY B C   
55  O O   . GLY B 1 ? 0.1157 0.1073 0.0526 0.0006  0.0136  0.0018  126 GLY B O   
56  N N   . GLY B 2 ? 0.0821 0.0653 0.0417 0.0042  0.0155  -0.0054 127 GLY B N   
57  C CA  . GLY B 2 ? 0.1008 0.0720 0.0334 0.0004  0.0077  -0.0064 127 GLY B CA  
58  C C   . GLY B 2 ? 0.0885 0.0665 0.0533 -0.0094 0.0066  0.0062  127 GLY B C   
59  O O   . GLY B 2 ? 0.1043 0.0650 0.0568 0.0055  -0.0022 0.0074  127 GLY B O   
60  N N   . TYR B 3 ? 0.0791 0.0724 0.0429 -0.0058 0.0107  0.0020  128 TYR B N   
61  C CA  . TYR B 3 ? 0.0756 0.0857 0.0433 0.0011  -0.0048 0.0093  128 TYR B CA  
62  C C   . TYR B 3 ? 0.0788 0.0525 0.0433 0.0030  -0.0070 0.0049  128 TYR B C   
63  O O   . TYR B 3 ? 0.0846 0.0633 0.0449 -0.0043 -0.0085 0.0003  128 TYR B O   
64  C CB  . TYR B 3 ? 0.0839 0.0928 0.0648 -0.0109 -0.0047 -0.0055 128 TYR B CB  
65  C CG  . TYR B 3 ? 0.0865 0.1011 0.0816 -0.0224 -0.0186 -0.0090 128 TYR B CG  
66  C CD1 . TYR B 3 ? 0.1005 0.0867 0.1045 -0.0412 -0.0342 0.0010  128 TYR B CD1 
67  C CD2 . TYR B 3 ? 0.1185 0.0826 0.1073 -0.0220 -0.0135 -0.0221 128 TYR B CD2 
68  C CE1 . TYR B 3 ? 0.1212 0.0962 0.1398 -0.0422 -0.0294 -0.0145 128 TYR B CE1 
69  C CE2 . TYR B 3 ? 0.1116 0.0956 0.1152 -0.0220 -0.0245 -0.0247 128 TYR B CE2 
70  C CZ  . TYR B 3 ? 0.1325 0.0812 0.1432 -0.0345 -0.0341 -0.0169 128 TYR B CZ  
71  O OH  . TYR B 3 ? 0.1511 0.0887 0.2012 -0.0415 -0.0336 -0.0093 128 TYR B OH  
72  N N   . VAL B 4 ? 0.0747 0.0668 0.0432 0.0082  -0.0018 -0.0033 129 VAL B N   
73  C CA  . VAL B 4 ? 0.0816 0.0878 0.0415 0.0102  -0.0029 -0.0006 129 VAL B CA  
74  C C   . VAL B 4 ? 0.0991 0.0911 0.0476 0.0051  0.0071  -0.0050 129 VAL B C   
75  O O   . VAL B 4 ? 0.0946 0.0908 0.0385 0.0196  -0.0078 0.0115  129 VAL B O   
76  C CB  . VAL B 4 ? 0.0821 0.0981 0.0869 -0.0010 -0.0171 -0.0016 129 VAL B CB  
77  C CG1 . VAL B 4 ? 0.0834 0.0905 0.1171 -0.0099 -0.0079 -0.0085 129 VAL B CG1 
78  C CG2 . VAL B 4 ? 0.0986 0.0987 0.1164 -0.0031 -0.0189 0.0078  129 VAL B CG2 
79  N N   . LEU B 5 ? 0.0901 0.0752 0.0430 0.0160  -0.0010 -0.0045 130 LEU B N   
80  C CA  . LEU B 5 ? 0.0956 0.0983 0.0537 0.0068  0.0085  -0.0071 130 LEU B CA  
81  C C   . LEU B 5 ? 0.1090 0.1076 0.0453 0.0124  -0.0055 -0.0035 130 LEU B C   
82  O O   . LEU B 5 ? 0.1089 0.1259 0.0440 0.0072  -0.0120 0.0136  130 LEU B O   
83  C CB  . LEU B 5 ? 0.1087 0.1091 0.0643 -0.0067 -0.0052 -0.0170 130 LEU B CB  
84  C CG  . LEU B 5 ? 0.1194 0.1184 0.0943 -0.0131 -0.0109 -0.0077 130 LEU B CG  
85  C CD1 . LEU B 5 ? 0.1333 0.1189 0.0976 -0.0162 -0.0150 -0.0221 130 LEU B CD1 
86  C CD2 . LEU B 5 ? 0.1047 0.1490 0.1089 -0.0046 -0.0223 0.0038  130 LEU B CD2 
87  N N   . GLY B 6 ? 0.0987 0.0921 0.0528 0.0051  0.0031  0.0018  131 GLY B N   
88  C CA  . GLY B 6 ? 0.1056 0.1185 0.0514 0.0035  -0.0005 0.0010  131 GLY B CA  
89  C C   . GLY B 6 ? 0.1117 0.1009 0.0624 -0.0031 -0.0072 0.0189  131 GLY B C   
90  O O   . GLY B 6 ? 0.1225 0.0882 0.0608 0.0032  -0.0057 0.0048  131 GLY B O   
91  N N   . SER B 7 ? 0.1047 0.1279 0.0679 0.0096  -0.0060 0.0003  132 SER B N   
92  C CA  . SER B 7 ? 0.1456 0.2064 0.0882 0.0181  -0.0142 0.0083  132 SER B CA  
93  C C   . SER B 7 ? 0.1677 0.2600 0.0984 0.0315  0.0091  0.0150  132 SER B C   
94  O O   . SER B 7 ? 0.1456 0.2299 0.1177 0.0144  0.0409  0.0062  132 SER B O   
95  C CB  . SER B 7 ? 0.1946 0.2152 0.1428 0.0267  -0.0639 0.0310  132 SER B CB  
96  O OG  . SER B 7 ? 0.2214 0.2843 0.2053 -0.0096 -0.0531 -0.0108 132 SER B OG  
97  O OXT . SER B 7 ? 0.1865 0.3054 0.1239 0.0510  0.0031  0.0177  132 SER B OXT 
98  C C1  . MPD C . ? 0.2629 0.3393 0.2849 -0.0451 0.0268  0.0698  201 MPD B C1  
99  C C2  . MPD C . ? 0.2454 0.3117 0.2626 -0.0389 0.0348  0.0639  201 MPD B C2  
100 O O2  . MPD C . ? 0.2028 0.2905 0.2028 -0.0124 0.0345  0.0669  201 MPD B O2  
101 C CM  . MPD C . ? 0.2902 0.3368 0.2600 -0.0677 0.0299  0.0468  201 MPD B CM  
102 C C3  . MPD C . ? 0.2245 0.2907 0.2903 -0.0289 0.0660  0.0482  201 MPD B C3  
103 C C4  . MPD C . ? 0.2307 0.2582 0.3091 -0.0287 0.0788  0.0492  201 MPD B C4  
104 O O4  . MPD C . ? 0.2297 0.2232 0.3189 -0.0481 0.0520  0.0674  201 MPD B O4  
105 C C5  . MPD C . ? 0.2730 0.2491 0.3230 -0.0304 0.0827  0.0629  201 MPD B C5  
106 O O   . HOH D . ? 0.3382 0.1541 0.1818 -0.1008 -0.1035 0.0376  201 HOH A O   
107 O O   . HOH D . ? 0.2433 0.1703 0.1766 0.0253  -0.0361 0.0515  202 HOH A O   
108 O O   . HOH E . ? 0.1836 0.1407 0.3046 -0.0546 0.0012  0.0258  301 HOH B O   
109 O O   . HOH E . ? 0.2318 0.1574 0.1175 -0.0445 0.0338  -0.0014 302 HOH B O   
# 
